data_7M4L
#
_entry.id   7M4L
#
_cell.length_a   55.970
_cell.length_b   62.753
_cell.length_c   140.130
_cell.angle_alpha   90.000
_cell.angle_beta   90.000
_cell.angle_gamma   90.000
#
_symmetry.space_group_name_H-M   'P 21 21 21'
#
loop_
_entity.id
_entity.type
_entity.pdbx_description
1 polymer 'DNA polymerase lambda'
2 polymer "DNA (5'-D(*CP*GP*GP*CP*AP*GP*TP*AP*CP*TP*G)-3')"
3 polymer "DNA (5'-D(*CP*AP*GP*TP*AP*CP*(YQS))-3')"
4 polymer "DNA (5'-D(P*GP*CP*CP*G)-3')"
5 non-polymer 'MANGANESE (II) ION'
6 non-polymer 'SODIUM ION'
7 non-polymer PYROPHOSPHATE
8 non-polymer 1,2-ETHANEDIOL
9 water water
#
loop_
_entity_poly.entity_id
_entity_poly.type
_entity_poly.pdbx_seq_one_letter_code
_entity_poly.pdbx_strand_id
1 'polypeptide(L)'
;AQPSSQKATNHNLHITEKLEVLAKAYSVQGDKWRALGYAKAINALKSFHKPVTSYQEACSIPGIGKRMAEKIIEILESGH
LRKLDHISESVPVLELFSNIWGAGTKTAQMWYQQGFRSLEDIRSQASLTTQQAIGLKHYSDFLERMPREEATEIEQTVQK
AAQAFNSGLLCVACGSYRRGKATCGDVDVLITHPDGRSHRGIFSRLLDSLRQEGFLTDDLVKGETKYLGVCRLPGPGRRH
RRLDIIVVPYSEFACALLYFTGSAHFNRSMRALAKTKGMSLSEHALSTAVVRNTHGAKVGPGRVLPTPTEKDVFRLLGLP
YREPAERDW
;
A
2 'polydeoxyribonucleotide' (DC)(DG)(DG)(DC)(DA)(DG)(DT)(DA)(DC)(DT)(DG) T
3 'polydeoxyribonucleotide' (DC)(DA)(DG)(DT)(DA)(DC)(YQS) P
4 'polydeoxyribonucleotide' (DG)(DC)(DC)(DG) D
#
# COMPACT_ATOMS: atom_id res chain seq x y z
N ASN A 10 0.71 14.82 -16.79
CA ASN A 10 1.42 13.75 -17.45
C ASN A 10 1.63 14.06 -18.92
N HIS A 11 2.87 14.39 -19.28
CA HIS A 11 3.17 14.65 -20.68
C HIS A 11 3.31 13.39 -21.52
N ASN A 12 3.25 12.20 -20.91
CA ASN A 12 3.54 10.96 -21.60
C ASN A 12 2.42 9.93 -21.41
N LEU A 13 1.16 10.38 -21.43
CA LEU A 13 0.07 9.44 -21.24
C LEU A 13 0.04 8.37 -22.32
N HIS A 14 0.23 8.78 -23.58
CA HIS A 14 0.17 7.83 -24.69
C HIS A 14 1.17 6.69 -24.50
N ILE A 15 2.24 6.94 -23.76
CA ILE A 15 3.21 5.89 -23.43
C ILE A 15 2.83 5.17 -22.14
N THR A 16 2.55 5.92 -21.08
CA THR A 16 2.28 5.33 -19.77
C THR A 16 1.09 4.39 -19.82
N GLU A 17 0.08 4.74 -20.59
CA GLU A 17 -1.15 3.96 -20.69
C GLU A 17 -0.86 2.56 -21.19
N LYS A 18 0.03 2.43 -22.19
CA LYS A 18 0.37 1.12 -22.71
C LYS A 18 1.26 0.35 -21.73
N LEU A 19 2.24 1.03 -21.12
CA LEU A 19 3.12 0.33 -20.18
C LEU A 19 2.35 -0.21 -18.98
N GLU A 20 1.37 0.55 -18.48
CA GLU A 20 0.65 0.06 -17.31
C GLU A 20 -0.03 -1.26 -17.60
N VAL A 21 -0.42 -1.50 -18.85
CA VAL A 21 -1.06 -2.77 -19.19
C VAL A 21 -0.09 -3.93 -19.01
N LEU A 22 1.14 -3.78 -19.53
CA LEU A 22 2.13 -4.83 -19.33
C LEU A 22 2.52 -4.94 -17.87
N ALA A 23 2.60 -3.81 -17.16
CA ALA A 23 2.95 -3.88 -15.75
C ALA A 23 1.96 -4.74 -14.98
N LYS A 24 0.66 -4.46 -15.17
CA LYS A 24 -0.37 -5.23 -14.47
C LYS A 24 -0.29 -6.70 -14.84
N ALA A 25 -0.04 -6.99 -16.12
CA ALA A 25 0.06 -8.35 -16.60
C ALA A 25 1.19 -9.11 -15.88
N TYR A 26 2.39 -8.53 -15.88
CA TYR A 26 3.49 -9.16 -15.13
C TYR A 26 3.14 -9.31 -13.67
N SER A 27 2.49 -8.32 -13.07
CA SER A 27 2.20 -8.35 -11.64
C SER A 27 1.23 -9.48 -11.27
N VAL A 28 0.11 -9.60 -11.99
CA VAL A 28 -0.86 -10.65 -11.63
C VAL A 28 -0.31 -12.03 -11.95
N GLN A 29 0.66 -12.14 -12.89
CA GLN A 29 1.28 -13.41 -13.20
C GLN A 29 2.45 -13.75 -12.26
N GLY A 30 2.75 -12.90 -11.29
CA GLY A 30 3.75 -13.25 -10.28
C GLY A 30 5.15 -12.80 -10.57
N ASP A 31 5.37 -12.07 -11.69
CA ASP A 31 6.73 -11.62 -12.07
C ASP A 31 6.96 -10.27 -11.41
N LYS A 32 7.17 -10.33 -10.08
CA LYS A 32 7.06 -9.13 -9.28
C LYS A 32 8.21 -8.15 -9.53
N TRP A 33 9.42 -8.63 -9.77
CA TRP A 33 10.51 -7.67 -9.98
C TRP A 33 10.38 -6.98 -11.33
N ARG A 34 10.02 -7.73 -12.36
CA ARG A 34 9.80 -7.08 -13.65
C ARG A 34 8.69 -6.04 -13.53
N ALA A 35 7.61 -6.40 -12.83
CA ALA A 35 6.53 -5.44 -12.63
C ALA A 35 7.01 -4.22 -11.86
N LEU A 36 7.86 -4.44 -10.86
CA LEU A 36 8.43 -3.30 -10.13
C LEU A 36 9.21 -2.39 -11.09
N GLY A 37 9.99 -2.96 -11.99
CA GLY A 37 10.70 -2.12 -12.97
C GLY A 37 9.74 -1.28 -13.80
N TYR A 38 8.66 -1.89 -14.27
CA TYR A 38 7.67 -1.14 -15.06
C TYR A 38 7.03 -0.04 -14.23
N ALA A 39 6.66 -0.35 -12.99
CA ALA A 39 6.00 0.64 -12.15
C ALA A 39 6.87 1.86 -11.96
N LYS A 40 8.14 1.65 -11.71
CA LYS A 40 9.07 2.76 -11.50
C LYS A 40 9.24 3.56 -12.77
N ALA A 41 9.39 2.88 -13.91
CA ALA A 41 9.52 3.62 -15.17
C ALA A 41 8.29 4.45 -15.46
N ILE A 42 7.11 3.91 -15.14
CA ILE A 42 5.86 4.57 -15.43
C ILE A 42 5.76 5.85 -14.63
N ASN A 43 6.18 5.84 -13.36
CA ASN A 43 6.10 7.09 -12.60
C ASN A 43 7.22 8.04 -13.01
N ALA A 44 8.42 7.50 -13.32
CA ALA A 44 9.44 8.32 -13.94
C ALA A 44 8.88 9.08 -15.14
N LEU A 45 8.09 8.41 -15.99
CA LEU A 45 7.57 9.08 -17.17
C LEU A 45 6.45 10.03 -16.81
N LYS A 46 5.56 9.62 -15.90
CA LYS A 46 4.48 10.50 -15.47
C LYS A 46 5.01 11.80 -14.88
N SER A 47 6.29 11.82 -14.49
N SER A 47 6.28 11.83 -14.48
CA SER A 47 6.88 12.95 -13.81
CA SER A 47 6.87 12.97 -13.80
C SER A 47 7.80 13.78 -14.70
C SER A 47 7.82 13.78 -14.69
N PHE A 48 8.05 13.35 -15.93
CA PHE A 48 8.82 14.17 -16.85
C PHE A 48 8.00 15.41 -17.20
N HIS A 49 8.67 16.55 -17.33
CA HIS A 49 7.95 17.75 -17.74
C HIS A 49 7.43 17.59 -19.17
N LYS A 50 8.33 17.33 -20.12
CA LYS A 50 7.98 17.30 -21.54
C LYS A 50 7.72 15.88 -22.02
N PRO A 51 7.05 15.74 -23.17
CA PRO A 51 7.00 14.43 -23.84
C PRO A 51 8.39 13.93 -24.21
N VAL A 52 8.58 12.61 -24.05
CA VAL A 52 9.79 11.89 -24.51
C VAL A 52 9.79 11.86 -26.05
N THR A 53 10.89 12.29 -26.68
CA THR A 53 10.87 12.27 -28.15
C THR A 53 12.13 11.75 -28.82
N SER A 54 13.08 11.22 -28.06
N SER A 54 13.06 11.19 -28.06
CA SER A 54 14.24 10.53 -28.61
CA SER A 54 14.20 10.50 -28.66
C SER A 54 14.58 9.32 -27.74
C SER A 54 14.64 9.35 -27.75
N TYR A 55 15.18 8.31 -28.37
CA TYR A 55 15.71 7.17 -27.62
C TYR A 55 16.70 7.63 -26.55
N GLN A 56 17.65 8.49 -26.91
CA GLN A 56 18.67 8.93 -25.96
C GLN A 56 18.09 9.89 -24.91
N GLU A 57 17.01 10.60 -25.24
CA GLU A 57 16.25 11.28 -24.20
C GLU A 57 15.65 10.27 -23.24
N ALA A 58 15.13 9.17 -23.77
CA ALA A 58 14.53 8.16 -22.90
C ALA A 58 15.53 7.67 -21.87
N CYS A 59 16.74 7.29 -22.30
CA CYS A 59 17.71 6.78 -21.34
C CYS A 59 18.12 7.84 -20.32
N SER A 60 17.86 9.11 -20.61
CA SER A 60 18.30 10.17 -19.70
C SER A 60 17.55 10.10 -18.37
N ILE A 61 16.37 9.50 -18.36
CA ILE A 61 15.51 9.50 -17.16
C ILE A 61 15.92 8.34 -16.24
N PRO A 62 16.11 8.58 -14.94
CA PRO A 62 16.37 7.47 -14.03
C PRO A 62 15.16 6.54 -14.00
N GLY A 63 15.42 5.24 -14.14
CA GLY A 63 14.34 4.28 -14.19
C GLY A 63 13.94 3.86 -15.59
N ILE A 64 14.51 4.47 -16.62
CA ILE A 64 14.29 4.03 -17.99
C ILE A 64 15.63 3.59 -18.57
N GLY A 65 15.73 2.31 -18.95
CA GLY A 65 16.92 1.78 -19.57
C GLY A 65 16.73 1.45 -21.04
N LYS A 66 17.63 0.61 -21.56
CA LYS A 66 17.60 0.23 -22.97
C LYS A 66 16.23 -0.34 -23.36
N ARG A 67 15.85 -1.44 -22.72
CA ARG A 67 14.66 -2.17 -23.16
C ARG A 67 13.42 -1.29 -23.09
N MET A 68 13.34 -0.40 -22.10
N MET A 68 13.33 -0.41 -22.10
CA MET A 68 12.17 0.46 -21.96
CA MET A 68 12.16 0.45 -22.02
C MET A 68 12.21 1.58 -23.00
C MET A 68 12.21 1.56 -23.07
N ALA A 69 13.38 2.17 -23.24
CA ALA A 69 13.53 3.16 -24.29
C ALA A 69 13.11 2.61 -25.65
N GLU A 70 13.46 1.36 -25.94
CA GLU A 70 13.03 0.73 -27.19
C GLU A 70 11.51 0.71 -27.27
N LYS A 71 10.85 0.30 -26.19
CA LYS A 71 9.40 0.25 -26.17
C LYS A 71 8.80 1.64 -26.38
N ILE A 72 9.35 2.66 -25.70
CA ILE A 72 8.83 4.00 -25.88
C ILE A 72 9.06 4.47 -27.32
N ILE A 73 10.11 3.98 -27.96
CA ILE A 73 10.41 4.39 -29.33
C ILE A 73 9.43 3.73 -30.30
N GLU A 74 9.22 2.42 -30.14
CA GLU A 74 8.18 1.73 -30.92
C GLU A 74 6.86 2.45 -30.79
N ILE A 75 6.56 2.95 -29.60
CA ILE A 75 5.24 3.55 -29.34
C ILE A 75 5.05 4.81 -30.16
N LEU A 76 6.04 5.71 -30.16
CA LEU A 76 5.86 6.98 -30.87
C LEU A 76 5.96 6.81 -32.37
N GLU A 77 6.92 6.03 -32.86
CA GLU A 77 7.02 5.81 -34.29
C GLU A 77 5.80 5.06 -34.82
N SER A 78 5.26 4.12 -34.02
CA SER A 78 4.15 3.28 -34.45
C SER A 78 2.80 3.65 -33.86
N GLY A 79 2.76 4.27 -32.68
CA GLY A 79 1.52 4.41 -31.95
C GLY A 79 1.06 3.16 -31.24
N HIS A 80 1.83 2.07 -31.29
CA HIS A 80 1.42 0.82 -30.66
C HIS A 80 2.65 0.11 -30.10
N LEU A 81 2.38 -0.86 -29.21
CA LEU A 81 3.40 -1.75 -28.67
C LEU A 81 2.93 -3.18 -28.91
N ARG A 82 3.62 -3.90 -29.79
CA ARG A 82 3.10 -5.18 -30.25
C ARG A 82 3.08 -6.23 -29.14
N LYS A 83 3.96 -6.11 -28.15
CA LYS A 83 3.92 -7.05 -27.02
C LYS A 83 2.52 -7.12 -26.42
N LEU A 84 1.78 -6.02 -26.50
CA LEU A 84 0.40 -5.97 -26.02
C LEU A 84 -0.47 -7.05 -26.64
N ASP A 85 -0.13 -7.52 -27.83
CA ASP A 85 -0.98 -8.44 -28.57
C ASP A 85 -0.67 -9.90 -28.23
N HIS A 86 0.26 -10.13 -27.30
CA HIS A 86 0.64 -11.49 -26.92
C HIS A 86 0.47 -11.72 -25.43
N ILE A 87 -0.23 -10.82 -24.73
CA ILE A 87 -0.49 -11.02 -23.31
C ILE A 87 -1.44 -12.18 -23.13
N SER A 88 -1.13 -13.05 -22.17
CA SER A 88 -1.94 -14.25 -21.96
C SER A 88 -3.42 -13.90 -21.78
N GLU A 89 -4.27 -14.74 -22.36
CA GLU A 89 -5.72 -14.71 -22.14
C GLU A 89 -6.08 -14.83 -20.68
N SER A 90 -5.18 -15.38 -19.87
CA SER A 90 -5.49 -15.59 -18.45
C SER A 90 -5.46 -14.30 -17.64
N VAL A 91 -4.84 -13.23 -18.14
CA VAL A 91 -4.54 -12.09 -17.27
C VAL A 91 -5.82 -11.45 -16.73
N PRO A 92 -6.87 -11.22 -17.53
CA PRO A 92 -8.08 -10.58 -16.95
C PRO A 92 -8.69 -11.39 -15.82
N VAL A 93 -8.66 -12.72 -15.93
CA VAL A 93 -9.17 -13.58 -14.87
C VAL A 93 -8.26 -13.57 -13.64
N LEU A 94 -6.95 -13.63 -13.85
CA LEU A 94 -6.02 -13.49 -12.73
C LEU A 94 -6.20 -12.16 -12.00
N GLU A 95 -6.46 -11.08 -12.75
CA GLU A 95 -6.74 -9.81 -12.08
C GLU A 95 -8.05 -9.89 -11.31
N LEU A 96 -9.08 -10.47 -11.92
CA LEU A 96 -10.37 -10.62 -11.20
C LEU A 96 -10.19 -11.34 -9.89
N PHE A 97 -9.45 -12.45 -9.91
CA PHE A 97 -9.30 -13.26 -8.72
C PHE A 97 -8.39 -12.60 -7.67
N SER A 98 -7.29 -11.98 -8.10
CA SER A 98 -6.40 -11.37 -7.06
C SER A 98 -6.95 -10.07 -6.52
N ASN A 99 -8.06 -9.52 -7.09
CA ASN A 99 -8.76 -8.43 -6.42
C ASN A 99 -9.66 -8.90 -5.27
N ILE A 100 -9.75 -10.20 -4.99
CA ILE A 100 -10.30 -10.73 -3.74
C ILE A 100 -9.26 -10.48 -2.64
N TRP A 101 -9.65 -9.74 -1.63
CA TRP A 101 -8.75 -9.56 -0.46
C TRP A 101 -8.39 -10.90 0.15
N GLY A 102 -7.06 -11.15 0.29
CA GLY A 102 -6.58 -12.41 0.83
C GLY A 102 -6.17 -13.43 -0.20
N ALA A 103 -6.38 -13.11 -1.48
CA ALA A 103 -5.98 -13.95 -2.60
C ALA A 103 -4.98 -13.13 -3.39
N GLY A 104 -3.75 -13.66 -3.57
CA GLY A 104 -2.72 -13.05 -4.34
C GLY A 104 -2.47 -13.80 -5.62
N THR A 105 -1.27 -13.57 -6.19
CA THR A 105 -0.94 -14.22 -7.47
CA THR A 105 -0.93 -14.21 -7.46
C THR A 105 -0.95 -15.73 -7.39
N LYS A 106 -0.38 -16.34 -6.29
CA LYS A 106 -0.33 -17.82 -6.24
C LYS A 106 -1.72 -18.42 -6.16
N THR A 107 -2.62 -17.82 -5.39
CA THR A 107 -3.99 -18.34 -5.29
C THR A 107 -4.72 -18.16 -6.59
N ALA A 108 -4.54 -17.00 -7.20
CA ALA A 108 -5.22 -16.75 -8.47
C ALA A 108 -4.78 -17.73 -9.53
N GLN A 109 -3.47 -18.02 -9.62
CA GLN A 109 -2.96 -18.94 -10.63
C GLN A 109 -3.47 -20.35 -10.35
N MET A 110 -3.55 -20.72 -9.08
N MET A 110 -3.56 -20.71 -9.08
CA MET A 110 -4.06 -22.05 -8.77
CA MET A 110 -4.05 -22.03 -8.73
C MET A 110 -5.52 -22.20 -9.16
C MET A 110 -5.51 -22.21 -9.11
N TRP A 111 -6.36 -21.23 -8.80
CA TRP A 111 -7.75 -21.25 -9.20
C TRP A 111 -7.88 -21.32 -10.72
N TYR A 112 -7.04 -20.56 -11.45
CA TYR A 112 -7.08 -20.60 -12.92
C TYR A 112 -6.71 -21.99 -13.42
N GLN A 113 -5.62 -22.58 -12.90
CA GLN A 113 -5.22 -23.91 -13.36
CA GLN A 113 -5.20 -23.92 -13.30
C GLN A 113 -6.31 -24.92 -13.08
N GLN A 114 -7.07 -24.74 -11.99
CA GLN A 114 -8.11 -25.71 -11.62
C GLN A 114 -9.39 -25.50 -12.37
N GLY A 115 -9.42 -24.53 -13.29
CA GLY A 115 -10.56 -24.36 -14.18
C GLY A 115 -11.48 -23.18 -13.87
N PHE A 116 -11.23 -22.42 -12.82
N PHE A 116 -11.24 -22.45 -12.78
CA PHE A 116 -12.17 -21.36 -12.46
CA PHE A 116 -12.09 -21.34 -12.39
C PHE A 116 -11.90 -20.13 -13.29
C PHE A 116 -11.89 -20.19 -13.37
N ARG A 117 -13.00 -19.50 -13.74
CA ARG A 117 -12.92 -18.39 -14.66
C ARG A 117 -13.74 -17.17 -14.24
N SER A 118 -14.55 -17.26 -13.19
CA SER A 118 -15.50 -16.20 -12.82
C SER A 118 -15.61 -16.22 -11.32
N LEU A 119 -16.13 -15.12 -10.75
CA LEU A 119 -16.39 -15.13 -9.32
C LEU A 119 -17.52 -16.11 -8.97
N GLU A 120 -18.44 -16.35 -9.91
CA GLU A 120 -19.46 -17.36 -9.67
C GLU A 120 -18.82 -18.73 -9.45
N ASP A 121 -17.80 -19.05 -10.27
CA ASP A 121 -17.04 -20.29 -10.08
C ASP A 121 -16.35 -20.30 -8.69
N ILE A 122 -15.75 -19.18 -8.31
CA ILE A 122 -15.13 -19.11 -6.98
C ILE A 122 -16.17 -19.33 -5.88
N ARG A 123 -17.29 -18.60 -5.97
CA ARG A 123 -18.35 -18.72 -4.98
C ARG A 123 -18.83 -20.14 -4.84
N SER A 124 -19.08 -20.78 -5.95
CA SER A 124 -19.74 -22.09 -5.91
C SER A 124 -18.80 -23.26 -5.74
N GLN A 125 -17.52 -23.11 -6.08
CA GLN A 125 -16.65 -24.29 -6.15
C GLN A 125 -15.31 -24.17 -5.43
N ALA A 126 -14.87 -22.95 -5.07
CA ALA A 126 -13.52 -22.77 -4.51
C ALA A 126 -13.53 -22.92 -3.00
N SER A 127 -12.44 -23.49 -2.47
N SER A 127 -12.40 -23.38 -2.44
CA SER A 127 -12.18 -23.44 -1.05
CA SER A 127 -12.22 -23.47 -1.00
C SER A 127 -11.64 -22.05 -0.75
C SER A 127 -11.52 -22.19 -0.53
N LEU A 128 -12.25 -21.35 0.20
CA LEU A 128 -11.81 -20.00 0.54
C LEU A 128 -11.31 -19.99 1.98
N THR A 129 -10.25 -19.19 2.21
CA THR A 129 -9.92 -18.92 3.60
C THR A 129 -10.99 -18.02 4.21
N THR A 130 -10.98 -17.98 5.54
CA THR A 130 -11.82 -17.02 6.25
C THR A 130 -11.70 -15.61 5.69
N GLN A 131 -10.47 -15.13 5.50
CA GLN A 131 -10.24 -13.80 4.93
C GLN A 131 -10.79 -13.66 3.50
N GLN A 132 -10.59 -14.68 2.68
CA GLN A 132 -11.01 -14.57 1.28
C GLN A 132 -12.53 -14.58 1.16
N ALA A 133 -13.22 -15.33 2.03
CA ALA A 133 -14.69 -15.30 2.01
C ALA A 133 -15.23 -13.90 2.34
N ILE A 134 -14.60 -13.19 3.28
CA ILE A 134 -14.93 -11.82 3.57
C ILE A 134 -14.60 -10.91 2.40
N GLY A 135 -13.42 -11.13 1.79
CA GLY A 135 -13.05 -10.36 0.61
C GLY A 135 -14.08 -10.53 -0.52
N LEU A 136 -14.52 -11.78 -0.74
CA LEU A 136 -15.47 -11.99 -1.85
C LEU A 136 -16.78 -11.32 -1.54
N LYS A 137 -17.27 -11.46 -0.31
CA LYS A 137 -18.56 -10.84 0.08
C LYS A 137 -18.54 -9.32 -0.14
N HIS A 138 -17.39 -8.66 0.02
CA HIS A 138 -17.28 -7.25 -0.13
C HIS A 138 -16.52 -6.86 -1.39
N TYR A 139 -16.57 -7.73 -2.41
CA TYR A 139 -15.72 -7.53 -3.58
C TYR A 139 -15.87 -6.15 -4.17
N SER A 140 -17.09 -5.76 -4.48
CA SER A 140 -17.27 -4.44 -5.09
C SER A 140 -16.87 -3.32 -4.15
N ASP A 141 -17.26 -3.39 -2.89
CA ASP A 141 -17.06 -2.25 -1.98
C ASP A 141 -15.56 -2.00 -1.79
N PHE A 142 -14.77 -3.06 -1.74
CA PHE A 142 -13.35 -2.93 -1.48
C PHE A 142 -12.59 -2.39 -2.67
N LEU A 143 -13.18 -2.35 -3.86
CA LEU A 143 -12.60 -1.69 -5.01
C LEU A 143 -12.96 -0.19 -5.08
N GLU A 144 -13.81 0.28 -4.19
N GLU A 144 -13.85 0.28 -4.21
CA GLU A 144 -14.30 1.66 -4.25
CA GLU A 144 -14.37 1.65 -4.22
C GLU A 144 -13.57 2.49 -3.22
C GLU A 144 -13.57 2.49 -3.23
N ARG A 145 -13.28 3.72 -3.60
CA ARG A 145 -12.71 4.66 -2.66
C ARG A 145 -13.87 5.42 -1.99
N MET A 146 -13.58 6.02 -0.87
CA MET A 146 -14.53 6.88 -0.18
C MET A 146 -14.12 8.33 -0.18
N PRO A 147 -15.10 9.25 -0.10
CA PRO A 147 -14.78 10.66 0.03
C PRO A 147 -14.03 10.91 1.33
N ARG A 148 -13.14 11.90 1.28
CA ARG A 148 -12.36 12.26 2.46
C ARG A 148 -13.25 12.43 3.67
N GLU A 149 -14.41 13.06 3.47
N GLU A 149 -14.41 13.07 3.49
CA GLU A 149 -15.32 13.39 4.56
CA GLU A 149 -15.29 13.38 4.61
C GLU A 149 -15.76 12.13 5.30
C GLU A 149 -15.76 12.12 5.31
N GLU A 150 -15.92 11.03 4.58
CA GLU A 150 -16.35 9.79 5.20
C GLU A 150 -15.22 9.16 6.02
N ALA A 151 -13.97 9.24 5.52
CA ALA A 151 -12.82 8.82 6.30
C ALA A 151 -12.76 9.59 7.62
N THR A 152 -13.14 10.87 7.62
CA THR A 152 -13.16 11.63 8.87
C THR A 152 -14.14 11.03 9.86
N GLU A 153 -15.36 10.74 9.41
CA GLU A 153 -16.35 10.16 10.30
C GLU A 153 -15.88 8.81 10.87
N ILE A 154 -15.19 8.00 10.06
CA ILE A 154 -14.66 6.72 10.53
C ILE A 154 -13.56 6.94 11.56
N GLU A 155 -12.61 7.85 11.26
CA GLU A 155 -11.56 8.14 12.26
C GLU A 155 -12.18 8.62 13.55
N GLN A 156 -13.16 9.50 13.46
CA GLN A 156 -13.79 10.04 14.66
C GLN A 156 -14.56 8.96 15.42
N THR A 157 -15.16 8.01 14.70
CA THR A 157 -15.85 6.92 15.36
C THR A 157 -14.87 6.07 16.19
N VAL A 158 -13.71 5.76 15.61
CA VAL A 158 -12.72 4.98 16.35
C VAL A 158 -12.17 5.79 17.52
N GLN A 159 -11.92 7.08 17.32
CA GLN A 159 -11.33 7.86 18.39
C GLN A 159 -12.30 8.03 19.57
N LYS A 160 -13.59 8.23 19.27
CA LYS A 160 -14.53 8.38 20.38
C LYS A 160 -14.61 7.09 21.19
N ALA A 161 -14.60 5.95 20.51
CA ALA A 161 -14.62 4.67 21.22
C ALA A 161 -13.34 4.46 22.02
N ALA A 162 -12.20 4.89 21.46
CA ALA A 162 -10.92 4.75 22.17
C ALA A 162 -10.87 5.66 23.39
N GLN A 163 -11.22 6.94 23.22
CA GLN A 163 -11.11 7.89 24.32
C GLN A 163 -12.18 7.68 25.39
N ALA A 164 -13.24 6.92 25.09
CA ALA A 164 -14.15 6.53 26.16
C ALA A 164 -13.41 5.72 27.22
N PHE A 165 -12.51 4.83 26.79
CA PHE A 165 -11.73 4.02 27.72
C PHE A 165 -10.65 4.86 28.39
N ASN A 166 -9.97 5.70 27.62
CA ASN A 166 -8.87 6.50 28.16
C ASN A 166 -8.78 7.79 27.36
N SER A 167 -9.13 8.90 28.00
CA SER A 167 -9.12 10.19 27.34
C SER A 167 -7.73 10.57 26.84
N GLY A 168 -6.68 9.96 27.40
CA GLY A 168 -5.32 10.26 26.99
C GLY A 168 -4.91 9.65 25.67
N LEU A 169 -5.68 8.70 25.16
CA LEU A 169 -5.30 8.02 23.93
C LEU A 169 -5.34 8.99 22.75
N LEU A 170 -4.33 8.90 21.90
CA LEU A 170 -4.19 9.74 20.73
C LEU A 170 -4.42 8.89 19.49
N CYS A 171 -5.30 9.35 18.60
CA CYS A 171 -5.68 8.62 17.41
C CYS A 171 -5.53 9.53 16.21
N VAL A 172 -4.88 9.03 15.15
CA VAL A 172 -4.60 9.83 13.97
C VAL A 172 -4.85 9.00 12.74
N ALA A 173 -5.65 9.54 11.79
CA ALA A 173 -5.81 8.85 10.51
C ALA A 173 -4.60 9.14 9.62
N CYS A 174 -3.98 8.08 9.12
CA CYS A 174 -2.74 8.17 8.34
C CYS A 174 -3.08 7.90 6.88
N GLY A 175 -2.24 7.13 6.19
CA GLY A 175 -2.47 6.78 4.78
C GLY A 175 -2.82 7.98 3.91
N SER A 176 -3.61 7.72 2.86
CA SER A 176 -3.95 8.77 1.90
C SER A 176 -4.68 9.93 2.55
N TYR A 177 -5.44 9.65 3.62
CA TYR A 177 -6.10 10.74 4.33
C TYR A 177 -5.12 11.81 4.79
N ARG A 178 -4.07 11.39 5.48
CA ARG A 178 -3.07 12.33 6.00
C ARG A 178 -2.26 12.94 4.87
N ARG A 179 -2.11 12.25 3.75
CA ARG A 179 -1.39 12.88 2.63
C ARG A 179 -2.29 13.91 1.92
N GLY A 180 -3.53 14.02 2.34
CA GLY A 180 -4.42 15.12 1.86
C GLY A 180 -5.32 14.77 0.70
N LYS A 181 -5.42 13.52 0.30
CA LYS A 181 -6.13 13.12 -0.89
C LYS A 181 -7.64 13.34 -0.72
N ALA A 182 -8.31 13.66 -1.84
CA ALA A 182 -9.74 13.91 -1.77
C ALA A 182 -10.58 12.67 -1.56
N THR A 183 -10.06 11.49 -1.93
CA THR A 183 -10.69 10.19 -1.70
C THR A 183 -9.67 9.24 -1.13
N CYS A 184 -10.13 8.28 -0.35
CA CYS A 184 -9.31 7.32 0.40
C CYS A 184 -9.73 5.89 0.15
N GLY A 185 -8.75 5.00 -0.01
CA GLY A 185 -9.05 3.61 -0.25
C GLY A 185 -9.56 2.93 1.00
N ASP A 186 -9.02 3.31 2.15
CA ASP A 186 -9.48 2.79 3.42
C ASP A 186 -9.14 3.85 4.46
N VAL A 187 -9.27 3.49 5.75
CA VAL A 187 -8.91 4.39 6.83
C VAL A 187 -7.89 3.66 7.67
N ASP A 188 -6.73 4.31 7.88
CA ASP A 188 -5.59 3.82 8.63
C ASP A 188 -5.43 4.61 9.92
N VAL A 189 -5.86 4.03 11.05
CA VAL A 189 -5.90 4.76 12.31
C VAL A 189 -4.75 4.31 13.19
N LEU A 190 -3.92 5.24 13.59
CA LEU A 190 -2.79 4.95 14.48
C LEU A 190 -3.16 5.41 15.88
N ILE A 191 -2.88 4.58 16.88
CA ILE A 191 -3.27 4.84 18.26
C ILE A 191 -2.06 4.66 19.17
N THR A 192 -1.84 5.63 20.05
CA THR A 192 -0.77 5.55 21.03
C THR A 192 -1.23 6.27 22.29
N HIS A 193 -0.32 6.35 23.29
CA HIS A 193 -0.62 7.09 24.52
C HIS A 193 0.66 7.77 25.00
N PRO A 194 0.62 9.09 25.26
CA PRO A 194 1.85 9.78 25.67
C PRO A 194 2.47 9.25 26.95
N ASP A 195 1.73 8.49 27.75
CA ASP A 195 2.30 7.96 28.99
C ASP A 195 3.20 6.76 28.75
N GLY A 196 3.26 6.26 27.51
CA GLY A 196 4.15 5.19 27.18
C GLY A 196 3.76 3.82 27.69
N ARG A 197 2.57 3.68 28.29
CA ARG A 197 2.16 2.41 28.87
C ARG A 197 0.70 2.07 28.59
N SER A 198 -0.17 3.08 28.60
CA SER A 198 -1.61 2.87 28.58
C SER A 198 -2.15 2.36 27.24
N HIS A 199 -1.32 2.33 26.18
CA HIS A 199 -1.70 1.69 24.93
C HIS A 199 -1.89 0.20 25.07
N ARG A 200 -1.34 -0.41 26.13
CA ARG A 200 -1.25 -1.87 26.22
C ARG A 200 -2.63 -2.49 26.47
N GLY A 201 -2.93 -3.56 25.73
CA GLY A 201 -4.09 -4.39 26.01
C GLY A 201 -5.43 -3.76 25.71
N ILE A 202 -5.47 -2.65 24.97
CA ILE A 202 -6.73 -1.96 24.72
C ILE A 202 -7.55 -2.60 23.61
N PHE A 203 -6.93 -3.38 22.72
CA PHE A 203 -7.63 -3.88 21.55
C PHE A 203 -8.89 -4.65 21.94
N SER A 204 -8.77 -5.54 22.92
CA SER A 204 -9.88 -6.31 23.42
C SER A 204 -11.12 -5.44 23.53
N ARG A 205 -11.04 -4.40 24.37
CA ARG A 205 -12.20 -3.60 24.72
C ARG A 205 -12.56 -2.65 23.57
N LEU A 206 -11.55 -2.10 22.89
CA LEU A 206 -11.83 -1.18 21.80
C LEU A 206 -12.61 -1.85 20.68
N LEU A 207 -12.14 -3.01 20.22
CA LEU A 207 -12.83 -3.71 19.16
C LEU A 207 -14.21 -4.18 19.60
N ASP A 208 -14.33 -4.66 20.84
CA ASP A 208 -15.64 -5.07 21.33
C ASP A 208 -16.57 -3.88 21.43
N SER A 209 -16.03 -2.70 21.75
CA SER A 209 -16.88 -1.51 21.75
C SER A 209 -17.38 -1.18 20.34
N LEU A 210 -16.49 -1.26 19.36
CA LEU A 210 -16.88 -0.93 17.98
C LEU A 210 -17.81 -1.98 17.38
N ARG A 211 -17.80 -3.23 17.88
CA ARG A 211 -18.81 -4.20 17.43
C ARG A 211 -20.17 -3.96 18.05
N GLN A 212 -20.20 -3.65 19.35
CA GLN A 212 -21.45 -3.58 20.07
C GLN A 212 -22.46 -2.69 19.35
N GLU A 213 -21.99 -1.66 18.65
CA GLU A 213 -22.86 -0.74 17.95
C GLU A 213 -23.16 -1.17 16.51
N GLY A 214 -22.49 -2.22 16.02
CA GLY A 214 -22.64 -2.65 14.65
C GLY A 214 -21.68 -1.99 13.68
N PHE A 215 -20.83 -1.10 14.14
CA PHE A 215 -19.87 -0.41 13.27
C PHE A 215 -18.88 -1.37 12.65
N LEU A 216 -18.22 -2.21 13.47
CA LEU A 216 -17.29 -3.20 12.91
C LEU A 216 -18.08 -4.41 12.42
N THR A 217 -17.94 -4.76 11.12
CA THR A 217 -18.79 -5.78 10.53
C THR A 217 -18.07 -7.09 10.27
N ASP A 218 -16.76 -7.06 10.01
CA ASP A 218 -15.97 -8.25 9.76
C ASP A 218 -14.52 -7.99 10.16
N ASP A 219 -13.86 -9.05 10.63
CA ASP A 219 -12.45 -8.99 11.03
C ASP A 219 -11.60 -9.81 10.06
N LEU A 220 -10.55 -9.21 9.54
CA LEU A 220 -9.61 -9.87 8.63
C LEU A 220 -8.34 -10.33 9.35
N VAL A 221 -7.79 -9.47 10.17
CA VAL A 221 -6.56 -9.71 10.95
C VAL A 221 -6.78 -9.13 12.34
N LYS A 222 -6.41 -9.89 13.38
CA LYS A 222 -6.59 -9.49 14.78
C LYS A 222 -5.27 -9.81 15.49
N GLY A 223 -4.27 -8.97 15.31
CA GLY A 223 -2.96 -9.17 15.90
C GLY A 223 -2.79 -8.37 17.18
N GLU A 224 -1.62 -8.59 17.82
CA GLU A 224 -1.35 -7.89 19.06
C GLU A 224 -1.22 -6.37 18.80
N THR A 225 -0.71 -6.00 17.66
CA THR A 225 -0.47 -4.60 17.35
C THR A 225 -1.29 -4.08 16.17
N LYS A 226 -1.70 -4.95 15.24
CA LYS A 226 -2.45 -4.57 14.04
C LYS A 226 -3.82 -5.21 13.99
N TYR A 227 -4.82 -4.40 13.68
CA TYR A 227 -6.15 -4.86 13.33
C TYR A 227 -6.43 -4.45 11.90
N LEU A 228 -6.92 -5.38 11.09
CA LEU A 228 -7.45 -5.05 9.75
C LEU A 228 -8.86 -5.60 9.66
N GLY A 229 -9.78 -4.79 9.24
CA GLY A 229 -11.14 -5.29 9.15
C GLY A 229 -12.02 -4.42 8.31
N VAL A 230 -13.30 -4.46 8.64
CA VAL A 230 -14.36 -3.88 7.82
C VAL A 230 -15.32 -3.16 8.73
N CYS A 231 -15.75 -1.97 8.31
CA CYS A 231 -16.71 -1.21 9.10
C CYS A 231 -17.76 -0.63 8.16
N ARG A 232 -18.81 -0.09 8.76
CA ARG A 232 -19.87 0.57 7.97
C ARG A 232 -20.56 1.57 8.88
N LEU A 233 -20.63 2.83 8.45
CA LEU A 233 -21.31 3.86 9.21
C LEU A 233 -22.82 3.59 9.16
N PRO A 234 -23.56 4.10 10.13
CA PRO A 234 -25.01 3.85 10.16
C PRO A 234 -25.74 4.64 9.09
N GLY A 235 -26.97 4.19 8.80
CA GLY A 235 -27.88 4.90 7.96
C GLY A 235 -27.90 4.36 6.55
N PRO A 236 -28.77 4.92 5.71
CA PRO A 236 -28.86 4.48 4.31
C PRO A 236 -27.68 4.98 3.49
N GLY A 237 -27.48 4.34 2.36
CA GLY A 237 -26.52 4.82 1.39
C GLY A 237 -25.07 4.57 1.78
N ARG A 238 -24.82 3.69 2.72
CA ARG A 238 -23.46 3.47 3.21
C ARG A 238 -22.89 2.17 2.65
N ARG A 239 -21.61 2.22 2.29
CA ARG A 239 -20.85 1.07 1.84
C ARG A 239 -19.99 0.54 2.99
N HIS A 240 -19.65 -0.74 2.90
CA HIS A 240 -18.64 -1.28 3.80
C HIS A 240 -17.27 -0.73 3.40
N ARG A 241 -16.48 -0.38 4.42
CA ARG A 241 -15.19 0.27 4.20
C ARG A 241 -14.11 -0.52 4.92
N ARG A 242 -12.92 -0.59 4.31
CA ARG A 242 -11.79 -1.20 4.98
C ARG A 242 -11.28 -0.25 6.08
N LEU A 243 -10.96 -0.83 7.22
CA LEU A 243 -10.46 -0.10 8.38
C LEU A 243 -9.24 -0.83 8.92
N ASP A 244 -8.16 -0.10 9.10
CA ASP A 244 -6.91 -0.67 9.69
C ASP A 244 -6.64 0.12 10.96
N ILE A 245 -6.27 -0.56 12.03
CA ILE A 245 -5.92 0.10 13.26
C ILE A 245 -4.59 -0.46 13.73
N ILE A 246 -3.68 0.41 14.10
CA ILE A 246 -2.41 -0.02 14.71
C ILE A 246 -2.25 0.68 16.02
N VAL A 247 -1.81 -0.06 17.04
CA VAL A 247 -1.55 0.47 18.38
C VAL A 247 -0.05 0.33 18.64
N VAL A 248 0.60 1.42 18.96
CA VAL A 248 2.06 1.46 19.13
C VAL A 248 2.46 2.16 20.41
N PRO A 249 3.64 1.82 20.96
CA PRO A 249 4.15 2.60 22.09
C PRO A 249 4.59 4.00 21.67
N TYR A 250 4.43 4.95 22.57
CA TYR A 250 4.74 6.33 22.24
C TYR A 250 6.16 6.50 21.73
N SER A 251 7.10 5.69 22.25
CA SER A 251 8.47 5.71 21.80
C SER A 251 8.62 5.56 20.30
N GLU A 252 7.69 4.84 19.67
CA GLU A 252 7.77 4.52 18.25
C GLU A 252 6.83 5.38 17.42
N PHE A 253 6.22 6.41 18.02
CA PHE A 253 5.13 7.14 17.34
C PHE A 253 5.60 7.76 16.04
N ALA A 254 6.75 8.44 16.06
CA ALA A 254 7.20 9.14 14.87
C ALA A 254 7.46 8.16 13.72
N CYS A 255 8.14 7.04 14.00
CA CYS A 255 8.39 6.09 12.91
C CYS A 255 7.11 5.37 12.48
N ALA A 256 6.18 5.15 13.40
CA ALA A 256 4.91 4.52 13.04
C ALA A 256 4.07 5.46 12.18
N LEU A 257 4.02 6.74 12.56
CA LEU A 257 3.34 7.77 11.78
C LEU A 257 3.94 7.85 10.39
N LEU A 258 5.27 7.88 10.30
CA LEU A 258 5.94 7.94 9.01
C LEU A 258 5.53 6.73 8.16
N TYR A 259 5.69 5.51 8.71
CA TYR A 259 5.31 4.31 7.95
C TYR A 259 3.84 4.37 7.48
N PHE A 260 2.94 4.69 8.40
CA PHE A 260 1.50 4.44 8.12
C PHE A 260 0.93 5.59 7.29
N THR A 261 1.66 6.68 7.18
CA THR A 261 1.28 7.80 6.29
C THR A 261 1.75 7.53 4.86
N GLY A 262 2.90 6.83 4.70
CA GLY A 262 3.36 6.43 3.36
C GLY A 262 3.70 7.68 2.50
N SER A 263 3.53 7.57 1.18
CA SER A 263 3.02 6.40 0.46
C SER A 263 3.94 5.19 0.49
N ALA A 264 3.47 4.07 -0.11
CA ALA A 264 4.30 2.86 -0.12
C ALA A 264 5.65 3.11 -0.82
N HIS A 265 5.60 3.71 -2.01
N HIS A 265 5.59 3.69 -2.03
CA HIS A 265 6.83 3.96 -2.75
CA HIS A 265 6.82 3.99 -2.75
C HIS A 265 7.70 4.97 -2.03
C HIS A 265 7.70 4.91 -1.95
N PHE A 266 7.10 5.91 -1.30
CA PHE A 266 7.89 6.82 -0.47
C PHE A 266 8.61 6.05 0.63
N ASN A 267 7.92 5.15 1.31
CA ASN A 267 8.57 4.36 2.35
C ASN A 267 9.71 3.55 1.79
N ARG A 268 9.47 2.82 0.69
CA ARG A 268 10.50 2.00 0.10
C ARG A 268 11.72 2.86 -0.26
N SER A 269 11.47 4.04 -0.80
CA SER A 269 12.59 4.90 -1.18
C SER A 269 13.39 5.36 0.03
N MET A 270 12.70 5.81 1.08
CA MET A 270 13.45 6.21 2.28
C MET A 270 14.20 5.04 2.88
N ARG A 271 13.53 3.85 2.96
CA ARG A 271 14.24 2.73 3.57
C ARG A 271 15.44 2.32 2.75
N ALA A 272 15.33 2.39 1.41
CA ALA A 272 16.48 2.10 0.57
C ALA A 272 17.60 3.10 0.84
N LEU A 273 17.23 4.36 1.05
CA LEU A 273 18.26 5.37 1.37
C LEU A 273 18.92 5.06 2.69
N ALA A 274 18.12 4.72 3.71
CA ALA A 274 18.72 4.41 5.01
C ALA A 274 19.72 3.28 4.86
N LYS A 275 19.37 2.25 4.08
CA LYS A 275 20.28 1.12 3.90
C LYS A 275 21.62 1.56 3.32
N THR A 276 21.62 2.46 2.34
CA THR A 276 22.88 2.92 1.75
C THR A 276 23.80 3.54 2.81
N LYS A 277 23.22 4.09 3.88
N LYS A 277 23.22 4.09 3.88
CA LYS A 277 23.96 4.74 4.94
CA LYS A 277 23.99 4.75 4.94
C LYS A 277 24.26 3.83 6.12
C LYS A 277 24.24 3.83 6.13
N GLY A 278 24.13 2.51 5.94
CA GLY A 278 24.31 1.61 7.06
C GLY A 278 23.31 1.82 8.16
N MET A 279 22.10 2.27 7.82
N MET A 279 22.09 2.21 7.80
CA MET A 279 21.03 2.46 8.76
CA MET A 279 21.02 2.47 8.76
C MET A 279 19.86 1.56 8.36
C MET A 279 19.84 1.59 8.35
N SER A 280 18.85 1.54 9.21
CA SER A 280 17.65 0.73 8.93
C SER A 280 16.43 1.49 9.41
N LEU A 281 15.41 1.56 8.57
CA LEU A 281 14.19 2.25 8.91
C LEU A 281 13.01 1.28 8.86
N SER A 282 12.24 1.27 9.94
CA SER A 282 11.03 0.46 10.03
C SER A 282 9.97 1.26 10.74
N GLU A 283 8.77 0.65 10.79
CA GLU A 283 7.67 1.23 11.55
C GLU A 283 7.98 1.33 13.02
N HIS A 284 9.00 0.63 13.50
CA HIS A 284 9.39 0.66 14.91
C HIS A 284 10.44 1.72 15.23
N ALA A 285 11.40 1.94 14.33
CA ALA A 285 12.59 2.71 14.69
C ALA A 285 13.43 3.01 13.46
N LEU A 286 14.26 4.07 13.60
CA LEU A 286 15.42 4.27 12.76
C LEU A 286 16.66 3.82 13.54
N SER A 287 17.42 2.91 12.97
CA SER A 287 18.63 2.37 13.60
C SER A 287 19.84 2.68 12.74
N THR A 288 21.01 2.77 13.41
CA THR A 288 22.27 3.07 12.77
C THR A 288 23.30 2.02 13.20
N ALA A 289 24.39 1.97 12.47
CA ALA A 289 25.42 0.96 12.73
C ALA A 289 24.87 -0.45 12.51
N VAL A 290 23.95 -0.59 11.57
CA VAL A 290 23.37 -1.89 11.26
C VAL A 290 24.36 -2.67 10.43
N VAL A 291 24.56 -3.93 10.77
CA VAL A 291 25.49 -4.81 10.08
C VAL A 291 24.70 -5.69 9.12
N ARG A 292 25.16 -5.76 7.88
CA ARG A 292 24.53 -6.55 6.84
C ARG A 292 25.56 -7.39 6.13
N ASN A 293 25.10 -8.47 5.51
CA ASN A 293 25.97 -9.35 4.74
C ASN A 293 26.03 -8.92 3.26
N THR A 294 26.79 -9.72 2.48
CA THR A 294 26.90 -9.57 1.03
C THR A 294 25.58 -9.28 0.34
N HIS A 295 24.46 -9.77 0.88
CA HIS A 295 23.18 -9.78 0.20
C HIS A 295 22.23 -8.70 0.73
N GLY A 296 22.75 -7.71 1.45
CA GLY A 296 21.91 -6.67 2.02
C GLY A 296 21.03 -7.09 3.17
N ALA A 297 21.19 -8.31 3.69
CA ALA A 297 20.38 -8.79 4.81
C ALA A 297 21.03 -8.44 6.14
N LYS A 298 20.20 -8.08 7.13
CA LYS A 298 20.72 -7.73 8.45
C LYS A 298 21.26 -8.97 9.17
N VAL A 299 22.50 -8.86 9.64
CA VAL A 299 23.08 -9.87 10.51
C VAL A 299 23.44 -9.32 11.89
N GLY A 300 23.48 -7.99 12.07
CA GLY A 300 23.61 -7.35 13.36
C GLY A 300 22.67 -6.16 13.47
N PRO A 301 22.08 -5.93 14.65
CA PRO A 301 20.91 -5.05 14.74
C PRO A 301 21.21 -3.55 14.76
N GLY A 302 22.37 -3.15 15.27
CA GLY A 302 22.66 -1.75 15.42
C GLY A 302 21.94 -1.15 16.63
N ARG A 303 21.86 0.18 16.61
CA ARG A 303 21.33 0.95 17.72
C ARG A 303 20.18 1.81 17.27
N VAL A 304 19.09 1.78 18.03
CA VAL A 304 17.97 2.66 17.78
C VAL A 304 18.41 4.11 18.00
N LEU A 305 18.06 4.98 17.07
CA LEU A 305 18.29 6.42 17.21
C LEU A 305 17.04 7.10 17.75
N PRO A 306 17.20 8.11 18.60
CA PRO A 306 16.02 8.82 19.12
C PRO A 306 15.34 9.63 18.03
N THR A 307 14.04 9.36 17.83
CA THR A 307 13.26 10.04 16.80
C THR A 307 11.93 10.49 17.39
N PRO A 308 11.94 11.57 18.19
CA PRO A 308 10.68 12.07 18.76
C PRO A 308 9.68 12.59 17.72
N THR A 309 10.15 13.03 16.54
CA THR A 309 9.26 13.53 15.51
C THR A 309 9.67 12.99 14.14
N GLU A 310 8.72 13.03 13.19
CA GLU A 310 9.07 12.74 11.81
C GLU A 310 10.26 13.57 11.31
N LYS A 311 10.25 14.90 11.58
CA LYS A 311 11.38 15.73 11.19
C LYS A 311 12.73 15.13 11.60
N ASP A 312 12.79 14.51 12.78
CA ASP A 312 14.03 13.88 13.22
C ASP A 312 14.48 12.76 12.29
N VAL A 313 13.54 11.97 11.74
CA VAL A 313 13.91 10.88 10.85
C VAL A 313 14.54 11.44 9.58
N PHE A 314 13.88 12.44 8.97
CA PHE A 314 14.47 13.11 7.82
C PHE A 314 15.87 13.64 8.15
N ARG A 315 15.98 14.38 9.26
CA ARG A 315 17.27 14.98 9.64
C ARG A 315 18.35 13.93 9.76
N LEU A 316 18.07 12.83 10.46
CA LEU A 316 19.10 11.83 10.69
C LEU A 316 19.50 11.13 9.40
N LEU A 317 18.62 11.11 8.41
CA LEU A 317 18.94 10.62 7.08
C LEU A 317 19.55 11.69 6.16
N GLY A 318 19.76 12.90 6.65
CA GLY A 318 20.35 13.91 5.81
C GLY A 318 19.42 14.50 4.77
N LEU A 319 18.12 14.39 4.98
CA LEU A 319 17.13 14.80 3.99
C LEU A 319 16.32 16.01 4.49
N PRO A 320 15.87 16.87 3.58
CA PRO A 320 14.93 17.93 3.97
C PRO A 320 13.57 17.35 4.33
N TYR A 321 12.93 17.95 5.32
CA TYR A 321 11.62 17.47 5.76
C TYR A 321 10.61 17.63 4.63
N ARG A 322 9.71 16.66 4.51
CA ARG A 322 8.60 16.69 3.58
C ARG A 322 7.31 16.53 4.35
N GLU A 323 6.36 17.47 4.16
CA GLU A 323 5.04 17.32 4.73
C GLU A 323 4.33 16.12 4.09
N PRO A 324 3.33 15.54 4.77
CA PRO A 324 2.64 14.37 4.18
C PRO A 324 2.22 14.52 2.74
N ALA A 325 1.74 15.74 2.34
CA ALA A 325 1.27 15.87 0.97
C ALA A 325 2.39 15.78 -0.04
N GLU A 326 3.63 16.13 0.35
CA GLU A 326 4.71 15.89 -0.60
C GLU A 326 5.29 14.45 -0.49
N ARG A 327 4.55 13.49 0.07
CA ARG A 327 5.00 12.11 0.18
C ARG A 327 4.17 11.19 -0.70
N ASP A 328 3.37 11.78 -1.61
CA ASP A 328 2.33 11.02 -2.30
C ASP A 328 2.92 10.45 -3.59
N TRP A 329 3.89 9.57 -3.40
CA TRP A 329 4.69 9.04 -4.49
C TRP A 329 4.09 7.76 -5.03
#